data_5EUM
#
_entry.id   5EUM
#
_cell.length_a   95.237
_cell.length_b   95.237
_cell.length_c   60.870
_cell.angle_alpha   90.00
_cell.angle_beta   90.00
_cell.angle_gamma   90.00
#
_symmetry.space_group_name_H-M   'P 41'
#
loop_
_entity.id
_entity.type
_entity.pdbx_description
1 polymer 'Lipid A export ATP-binding/permease protein MsbA'
2 non-polymer 'ACETATE ION'
3 non-polymer 'SULFATE ION'
4 non-polymer 'MALONATE ION'
5 non-polymer 'SUCCINIC ACID'
6 non-polymer 'CHLORIDE ION'
7 water water
#
_entity_poly.entity_id   1
_entity_poly.type   'polypeptide(L)'
_entity_poly.pdbx_seq_one_letter_code
;SNAKDDGAYKAEPAKGELEFKNVSFAYQG(MLZ)EELALNNISFSVPAGKTVALVGRSGSGKSTIANLVTRFYDIEQGEI
LLDGVNIQDYRLSNLRENCAVVSQQVHLFNDTIANNIAYAAQDKYSREEIIAAAKAAYALEFIEKLPQGFDTVIGENGAS
LSGGQRQRLAIARALLRNSPVLILDEATSALDTESERAIQSALEELKKDRTVVVIAHRLSTIENADEILVIDHGEIRERG
NHKTLLEQNGAYKQLHSMQFTG
;
_entity_poly.pdbx_strand_id   A,B
#
# COMPACT_ATOMS: atom_id res chain seq x y z
N LYS A 4 -18.65 -6.34 -11.90
CA LYS A 4 -17.42 -6.50 -11.07
C LYS A 4 -17.61 -7.60 -10.03
N ASP A 5 -18.34 -7.33 -8.96
CA ASP A 5 -18.57 -8.33 -7.91
C ASP A 5 -19.91 -9.05 -8.19
N ASP A 6 -19.99 -9.67 -9.36
CA ASP A 6 -21.19 -10.38 -9.78
C ASP A 6 -21.37 -11.78 -9.14
N GLY A 7 -20.27 -12.38 -8.71
CA GLY A 7 -20.32 -13.73 -8.13
C GLY A 7 -21.08 -13.93 -6.82
N ALA A 8 -21.83 -15.02 -6.74
CA ALA A 8 -22.59 -15.34 -5.53
C ALA A 8 -22.07 -16.58 -4.78
N TYR A 9 -21.04 -17.21 -5.32
N TYR A 9 -21.05 -17.23 -5.31
CA TYR A 9 -20.48 -18.43 -4.76
CA TYR A 9 -20.57 -18.46 -4.69
C TYR A 9 -19.43 -18.15 -3.68
C TYR A 9 -19.40 -18.21 -3.74
N LYS A 10 -19.30 -19.07 -2.73
CA LYS A 10 -18.27 -18.96 -1.68
C LYS A 10 -17.72 -20.33 -1.30
N ALA A 11 -16.47 -20.33 -0.87
CA ALA A 11 -15.83 -21.51 -0.33
C ALA A 11 -15.38 -21.10 1.06
N GLU A 12 -15.86 -21.82 2.07
CA GLU A 12 -15.52 -21.50 3.45
C GLU A 12 -15.04 -22.72 4.21
N PRO A 13 -13.77 -23.09 4.05
CA PRO A 13 -12.82 -22.44 3.16
C PRO A 13 -12.60 -23.21 1.86
N ALA A 14 -11.89 -22.59 0.93
CA ALA A 14 -11.49 -23.30 -0.28
C ALA A 14 -10.41 -24.31 0.13
N LYS A 15 -10.31 -25.40 -0.63
CA LYS A 15 -9.23 -26.39 -0.45
C LYS A 15 -7.90 -25.75 -0.89
N GLY A 16 -7.95 -24.92 -1.93
CA GLY A 16 -6.77 -24.23 -2.44
C GLY A 16 -6.20 -24.70 -3.77
N GLU A 17 -7.00 -25.40 -4.58
N GLU A 17 -7.00 -25.42 -4.55
CA GLU A 17 -6.50 -25.86 -5.90
CA GLU A 17 -6.57 -25.87 -5.88
C GLU A 17 -6.60 -24.73 -6.92
C GLU A 17 -6.64 -24.62 -6.77
N LEU A 18 -5.47 -24.33 -7.49
N LEU A 18 -5.59 -24.36 -7.55
CA LEU A 18 -5.50 -23.26 -8.46
CA LEU A 18 -5.56 -23.17 -8.40
C LEU A 18 -5.22 -23.75 -9.85
C LEU A 18 -5.09 -23.53 -9.81
N GLU A 19 -5.83 -23.11 -10.84
CA GLU A 19 -5.50 -23.46 -12.23
C GLU A 19 -5.72 -22.31 -13.16
N PHE A 20 -4.72 -22.06 -14.01
CA PHE A 20 -4.82 -21.14 -15.14
C PHE A 20 -5.00 -22.04 -16.36
N LYS A 21 -6.03 -21.79 -17.16
CA LYS A 21 -6.27 -22.58 -18.37
C LYS A 21 -6.39 -21.62 -19.56
N ASN A 22 -5.40 -21.66 -20.45
CA ASN A 22 -5.38 -20.85 -21.68
C ASN A 22 -5.61 -19.34 -21.43
N VAL A 23 -4.90 -18.82 -20.44
CA VAL A 23 -5.08 -17.42 -20.04
C VAL A 23 -4.24 -16.45 -20.86
N SER A 24 -4.90 -15.46 -21.46
CA SER A 24 -4.23 -14.40 -22.18
C SER A 24 -4.75 -13.10 -21.59
N PHE A 25 -3.91 -12.08 -21.60
CA PHE A 25 -4.26 -10.80 -20.99
C PHE A 25 -3.44 -9.68 -21.61
N ALA A 26 -4.12 -8.56 -21.85
CA ALA A 26 -3.50 -7.34 -22.35
C ALA A 26 -3.97 -6.18 -21.48
N TYR A 27 -3.06 -5.26 -21.20
CA TYR A 27 -3.39 -4.08 -20.41
C TYR A 27 -4.35 -3.23 -21.25
N GLN A 28 -5.21 -2.48 -20.57
CA GLN A 28 -6.19 -1.63 -21.25
C GLN A 28 -5.44 -0.66 -22.17
N GLY A 29 -5.89 -0.56 -23.42
CA GLY A 29 -5.26 0.33 -24.40
C GLY A 29 -4.01 -0.23 -25.08
N GLU A 31 -2.38 -3.39 -27.54
CA GLU A 31 -2.70 -4.45 -28.48
C GLU A 31 -1.90 -5.71 -28.13
N GLU A 32 -0.62 -5.52 -27.82
CA GLU A 32 0.30 -6.60 -27.43
C GLU A 32 -0.19 -7.32 -26.17
N LEU A 33 0.00 -8.64 -26.09
CA LEU A 33 -0.39 -9.37 -24.90
C LEU A 33 0.66 -9.32 -23.81
N ALA A 34 0.23 -9.09 -22.57
CA ALA A 34 1.12 -9.12 -21.41
C ALA A 34 1.38 -10.57 -21.03
N LEU A 35 0.35 -11.40 -21.23
CA LEU A 35 0.41 -12.83 -20.94
C LEU A 35 -0.21 -13.54 -22.12
N ASN A 36 0.46 -14.58 -22.62
CA ASN A 36 -0.03 -15.29 -23.81
C ASN A 36 -0.17 -16.80 -23.60
N ASN A 37 -1.43 -17.23 -23.56
CA ASN A 37 -1.83 -18.64 -23.40
C ASN A 37 -1.13 -19.37 -22.24
N ILE A 38 -1.25 -18.76 -21.08
CA ILE A 38 -0.69 -19.29 -19.81
C ILE A 38 -1.58 -20.41 -19.29
N SER A 39 -0.99 -21.59 -19.08
CA SER A 39 -1.68 -22.74 -18.49
C SER A 39 -0.79 -23.40 -17.45
N PHE A 40 -1.27 -23.52 -16.21
CA PHE A 40 -0.56 -24.25 -15.16
C PHE A 40 -1.53 -24.60 -14.05
N SER A 41 -1.20 -25.65 -13.31
CA SER A 41 -2.02 -26.06 -12.20
C SER A 41 -1.19 -26.12 -10.94
N VAL A 42 -1.81 -25.75 -9.83
CA VAL A 42 -1.18 -25.85 -8.53
C VAL A 42 -2.12 -26.68 -7.63
N PRO A 43 -1.76 -27.94 -7.36
CA PRO A 43 -2.59 -28.72 -6.45
C PRO A 43 -2.62 -28.07 -5.08
N ALA A 44 -3.69 -28.33 -4.33
CA ALA A 44 -3.82 -27.77 -3.00
C ALA A 44 -2.60 -28.12 -2.13
N GLY A 45 -2.06 -27.12 -1.44
CA GLY A 45 -0.92 -27.32 -0.54
C GLY A 45 0.48 -27.24 -1.14
N LYS A 46 0.60 -26.99 -2.43
CA LYS A 46 1.87 -26.93 -3.08
C LYS A 46 2.36 -25.49 -3.21
N THR A 47 3.67 -25.35 -3.37
CA THR A 47 4.30 -24.04 -3.56
C THR A 47 4.87 -23.95 -4.96
N VAL A 48 4.44 -22.92 -5.69
N VAL A 48 4.43 -22.93 -5.70
CA VAL A 48 4.89 -22.66 -7.05
CA VAL A 48 4.96 -22.68 -7.01
C VAL A 48 5.60 -21.29 -7.10
C VAL A 48 5.66 -21.33 -6.97
N ALA A 49 6.86 -21.29 -7.53
CA ALA A 49 7.67 -20.05 -7.61
C ALA A 49 7.65 -19.56 -9.05
N LEU A 50 7.25 -18.31 -9.25
CA LEU A 50 7.25 -17.67 -10.54
C LEU A 50 8.56 -16.85 -10.58
N VAL A 51 9.44 -17.16 -11.53
CA VAL A 51 10.73 -16.48 -11.64
C VAL A 51 10.85 -15.93 -13.05
N GLY A 52 11.63 -14.87 -13.19
CA GLY A 52 11.78 -14.25 -14.49
C GLY A 52 12.32 -12.85 -14.35
N ARG A 53 12.79 -12.33 -15.46
CA ARG A 53 13.34 -10.98 -15.48
C ARG A 53 12.23 -9.94 -15.29
N SER A 54 12.60 -8.76 -14.78
CA SER A 54 11.63 -7.66 -14.68
C SER A 54 10.98 -7.46 -16.05
N GLY A 55 9.67 -7.25 -16.06
CA GLY A 55 8.93 -7.06 -17.32
C GLY A 55 8.36 -8.34 -17.88
N SER A 56 8.65 -9.46 -17.22
CA SER A 56 8.23 -10.75 -17.74
C SER A 56 6.74 -11.00 -17.70
N GLY A 57 6.05 -10.43 -16.72
CA GLY A 57 4.61 -10.70 -16.53
C GLY A 57 4.37 -11.61 -15.35
N LYS A 58 5.43 -12.11 -14.71
CA LYS A 58 5.24 -12.94 -13.52
C LYS A 58 4.35 -12.24 -12.47
N SER A 59 4.51 -10.94 -12.28
CA SER A 59 3.70 -10.23 -11.27
C SER A 59 2.24 -10.07 -11.74
N THR A 60 2.03 -10.00 -13.04
CA THR A 60 0.68 -9.90 -13.60
C THR A 60 -0.09 -11.20 -13.31
N ILE A 61 0.60 -12.34 -13.43
CA ILE A 61 0.00 -13.63 -13.11
C ILE A 61 -0.50 -13.61 -11.68
N ALA A 62 0.36 -13.19 -10.74
CA ALA A 62 -0.03 -13.15 -9.34
C ALA A 62 -1.17 -12.18 -9.10
N ASN A 63 -1.08 -10.98 -9.68
CA ASN A 63 -2.13 -9.98 -9.53
C ASN A 63 -3.52 -10.49 -9.99
N LEU A 64 -3.54 -11.32 -11.03
CA LEU A 64 -4.80 -11.82 -11.59
C LEU A 64 -5.54 -12.77 -10.64
N VAL A 65 -4.80 -13.49 -9.78
CA VAL A 65 -5.41 -14.44 -8.85
C VAL A 65 -6.45 -13.78 -7.91
N THR A 66 -6.21 -12.52 -7.53
CA THR A 66 -7.13 -11.81 -6.64
C THR A 66 -7.99 -10.79 -7.38
N ARG A 67 -8.05 -10.95 -8.70
CA ARG A 67 -8.81 -10.08 -9.57
C ARG A 67 -8.45 -8.62 -9.48
N PHE A 68 -7.14 -8.33 -9.40
CA PHE A 68 -6.72 -6.93 -9.43
C PHE A 68 -7.25 -6.35 -10.76
N TYR A 69 -7.22 -7.20 -11.77
CA TYR A 69 -7.84 -6.97 -13.09
C TYR A 69 -8.43 -8.32 -13.51
N ASP A 70 -9.36 -8.28 -14.47
CA ASP A 70 -10.03 -9.49 -14.95
C ASP A 70 -9.58 -9.87 -16.33
N ILE A 71 -9.61 -11.16 -16.63
CA ILE A 71 -9.31 -11.62 -17.97
C ILE A 71 -10.61 -11.79 -18.76
N GLU A 72 -10.47 -11.86 -20.08
CA GLU A 72 -11.57 -12.10 -21.00
C GLU A 72 -11.28 -13.32 -21.89
N GLN A 73 -10.09 -13.92 -21.75
CA GLN A 73 -9.70 -15.07 -22.57
C GLN A 73 -9.12 -16.09 -21.61
N GLY A 74 -9.69 -17.30 -21.61
CA GLY A 74 -9.24 -18.34 -20.72
C GLY A 74 -9.95 -18.23 -19.38
N GLU A 75 -9.49 -19.04 -18.45
CA GLU A 75 -10.06 -19.09 -17.12
C GLU A 75 -9.04 -19.29 -16.01
N ILE A 76 -9.31 -18.66 -14.87
CA ILE A 76 -8.53 -18.86 -13.63
C ILE A 76 -9.54 -19.47 -12.68
N LEU A 77 -9.21 -20.66 -12.17
CA LEU A 77 -10.10 -21.46 -11.35
C LEU A 77 -9.56 -21.68 -9.95
N LEU A 78 -10.44 -21.52 -8.95
CA LEU A 78 -10.10 -21.84 -7.56
C LEU A 78 -11.03 -23.02 -7.21
N ASP A 79 -10.46 -24.16 -6.85
CA ASP A 79 -11.25 -25.38 -6.57
C ASP A 79 -12.20 -25.67 -7.73
N GLY A 80 -11.71 -25.51 -8.96
CA GLY A 80 -12.50 -25.79 -10.17
C GLY A 80 -13.60 -24.82 -10.55
N VAL A 81 -13.72 -23.71 -9.82
CA VAL A 81 -14.75 -22.69 -10.10
C VAL A 81 -14.06 -21.43 -10.56
N ASN A 82 -14.55 -20.79 -11.63
CA ASN A 82 -13.94 -19.56 -12.11
C ASN A 82 -13.91 -18.51 -11.00
N ILE A 83 -12.76 -17.87 -10.81
CA ILE A 83 -12.62 -16.86 -9.74
C ILE A 83 -13.64 -15.73 -9.85
N GLN A 84 -14.10 -15.46 -11.07
CA GLN A 84 -15.09 -14.41 -11.27
C GLN A 84 -16.47 -14.78 -10.71
N ASP A 85 -16.71 -16.08 -10.51
CA ASP A 85 -17.99 -16.56 -9.98
C ASP A 85 -18.10 -16.51 -8.46
N TYR A 86 -16.98 -16.28 -7.77
CA TYR A 86 -17.00 -16.13 -6.31
C TYR A 86 -17.36 -14.71 -5.92
N ARG A 87 -18.00 -14.56 -4.77
CA ARG A 87 -18.19 -13.22 -4.20
C ARG A 87 -16.75 -12.71 -3.99
N LEU A 88 -16.45 -11.51 -4.47
CA LEU A 88 -15.08 -10.96 -4.38
C LEU A 88 -14.50 -11.00 -2.95
N SER A 89 -15.31 -10.66 -1.96
CA SER A 89 -14.90 -10.71 -0.55
C SER A 89 -14.42 -12.10 -0.11
N ASN A 90 -15.10 -13.14 -0.59
CA ASN A 90 -14.72 -14.52 -0.28
C ASN A 90 -13.45 -14.95 -1.04
N LEU A 91 -13.31 -14.53 -2.31
CA LEU A 91 -12.10 -14.82 -3.07
C LEU A 91 -10.91 -14.22 -2.32
N ARG A 92 -11.06 -12.98 -1.88
CA ARG A 92 -10.01 -12.31 -1.14
C ARG A 92 -9.75 -12.88 0.26
N GLU A 93 -10.77 -13.47 0.88
N GLU A 93 -10.76 -13.47 0.89
CA GLU A 93 -10.59 -14.12 2.18
CA GLU A 93 -10.58 -14.12 2.20
C GLU A 93 -9.80 -15.41 1.99
C GLU A 93 -9.83 -15.44 2.02
N ASN A 94 -10.06 -16.12 0.89
CA ASN A 94 -9.34 -17.38 0.60
C ASN A 94 -7.93 -17.18 0.06
N CYS A 95 -7.66 -16.04 -0.56
CA CYS A 95 -6.39 -15.77 -1.22
C CYS A 95 -5.71 -14.53 -0.64
N ALA A 96 -4.83 -14.73 0.36
CA ALA A 96 -4.11 -13.64 1.05
C ALA A 96 -2.87 -13.20 0.28
N VAL A 97 -2.56 -11.91 0.36
CA VAL A 97 -1.39 -11.37 -0.33
C VAL A 97 -0.40 -10.85 0.69
N VAL A 98 0.87 -11.20 0.54
N VAL A 98 0.88 -11.20 0.53
CA VAL A 98 1.94 -10.61 1.33
CA VAL A 98 1.95 -10.81 1.46
C VAL A 98 2.64 -9.79 0.24
C VAL A 98 3.17 -10.17 0.79
N SER A 99 2.42 -8.48 0.30
N SER A 99 3.42 -8.92 1.16
CA SER A 99 2.93 -7.56 -0.72
CA SER A 99 4.53 -8.14 0.65
C SER A 99 4.24 -6.89 -0.34
C SER A 99 4.99 -7.14 1.70
N GLN A 100 4.98 -6.47 -1.36
N GLN A 100 6.08 -6.45 1.41
CA GLN A 100 6.25 -5.79 -1.14
CA GLN A 100 6.58 -5.41 2.29
C GLN A 100 6.07 -4.78 -0.03
C GLN A 100 5.62 -4.22 2.15
N GLN A 101 4.90 -4.16 0.00
N GLN A 101 5.05 -4.09 0.95
CA GLN A 101 4.57 -3.14 0.99
CA GLN A 101 4.07 -3.05 0.64
C GLN A 101 3.17 -3.42 1.57
C GLN A 101 2.96 -2.99 1.68
N VAL A 102 3.12 -3.79 2.85
N VAL A 102 2.72 -4.12 2.34
CA VAL A 102 1.84 -4.11 3.48
CA VAL A 102 1.68 -4.22 3.37
C VAL A 102 1.31 -2.83 4.15
C VAL A 102 1.30 -2.86 3.99
N HIS A 103 0.00 -2.63 4.13
CA HIS A 103 -0.55 -1.40 4.70
C HIS A 103 -0.59 -1.45 6.24
N LEU A 104 0.23 -0.63 6.87
CA LEU A 104 0.23 -0.49 8.32
C LEU A 104 -0.27 0.91 8.59
N PHE A 105 -0.71 1.14 9.81
CA PHE A 105 -1.34 2.40 10.18
C PHE A 105 -1.23 2.65 11.66
N ASN A 106 -1.35 3.91 12.05
CA ASN A 106 -1.32 4.22 13.46
C ASN A 106 -2.42 3.45 14.17
N ASP A 107 -2.00 2.59 15.11
CA ASP A 107 -2.91 1.77 15.93
C ASP A 107 -1.97 0.81 16.68
N THR A 108 -2.52 -0.05 17.52
CA THR A 108 -1.68 -1.00 18.23
C THR A 108 -1.15 -2.08 17.30
N ILE A 109 -0.07 -2.74 17.71
N ILE A 109 -0.10 -2.76 17.72
CA ILE A 109 0.49 -3.85 16.95
CA ILE A 109 0.48 -3.88 16.97
C ILE A 109 -0.59 -4.94 16.78
C ILE A 109 -0.58 -4.96 16.78
N ALA A 110 -1.30 -5.27 17.85
CA ALA A 110 -2.38 -6.27 17.79
C ALA A 110 -3.44 -5.91 16.75
N ASN A 111 -3.90 -4.66 16.74
CA ASN A 111 -4.93 -4.26 15.76
C ASN A 111 -4.40 -4.27 14.34
N ASN A 112 -3.11 -3.98 14.17
CA ASN A 112 -2.49 -4.08 12.85
C ASN A 112 -2.41 -5.51 12.37
N ILE A 113 -2.19 -6.44 13.29
CA ILE A 113 -2.15 -7.86 12.92
C ILE A 113 -3.58 -8.31 12.59
N ALA A 114 -4.54 -7.93 13.44
CA ALA A 114 -5.96 -8.31 13.26
C ALA A 114 -6.70 -7.62 12.09
N TYR A 115 -6.19 -6.51 11.58
CA TYR A 115 -6.79 -5.84 10.41
C TYR A 115 -7.25 -6.86 9.36
N ALA A 116 -6.47 -7.95 9.28
CA ALA A 116 -6.64 -9.13 8.40
C ALA A 116 -8.03 -9.59 7.90
N ALA A 117 -8.66 -10.49 8.65
CA ALA A 117 -9.90 -11.17 8.22
C ALA A 117 -11.23 -10.47 8.53
N GLN A 118 -12.31 -11.18 8.19
CA GLN A 118 -13.67 -10.70 8.41
C GLN A 118 -14.11 -10.91 9.86
N ASP A 119 -13.99 -12.16 10.35
CA ASP A 119 -14.36 -12.49 11.74
C ASP A 119 -13.32 -11.98 12.76
N LYS A 120 -13.75 -11.81 14.02
CA LYS A 120 -12.86 -11.31 15.07
C LYS A 120 -12.02 -12.42 15.70
N TYR A 121 -10.81 -12.05 16.12
CA TYR A 121 -9.86 -12.97 16.74
C TYR A 121 -9.50 -12.50 18.15
N SER A 122 -9.14 -13.46 19.00
CA SER A 122 -8.77 -13.18 20.37
C SER A 122 -7.31 -12.76 20.47
N ARG A 123 -6.93 -12.20 21.60
CA ARG A 123 -5.55 -11.82 21.84
C ARG A 123 -4.66 -13.08 21.74
N GLU A 124 -5.15 -14.19 22.27
N GLU A 124 -5.15 -14.20 22.27
CA GLU A 124 -4.43 -15.45 22.22
CA GLU A 124 -4.42 -15.46 22.22
C GLU A 124 -4.13 -15.88 20.78
C GLU A 124 -4.12 -15.87 20.76
N GLU A 125 -5.13 -15.76 19.90
CA GLU A 125 -4.95 -16.11 18.48
C GLU A 125 -3.94 -15.16 17.79
N ILE A 126 -3.99 -13.90 18.17
CA ILE A 126 -3.06 -12.91 17.64
C ILE A 126 -1.62 -13.22 18.07
N ILE A 127 -1.45 -13.60 19.33
CA ILE A 127 -0.13 -13.95 19.87
C ILE A 127 0.42 -15.18 19.15
N ALA A 128 -0.42 -16.19 18.92
CA ALA A 128 -0.01 -17.42 18.24
C ALA A 128 0.50 -17.10 16.83
N ALA A 129 -0.20 -16.18 16.16
CA ALA A 129 0.20 -15.74 14.80
C ALA A 129 1.57 -15.03 14.79
N ALA A 130 1.77 -14.11 15.74
CA ALA A 130 3.06 -13.42 15.90
C ALA A 130 4.20 -14.41 16.21
N LYS A 131 3.91 -15.43 17.00
CA LYS A 131 4.94 -16.43 17.34
C LYS A 131 5.39 -17.20 16.11
N ALA A 132 4.42 -17.64 15.33
CA ALA A 132 4.67 -18.41 14.13
C ALA A 132 5.43 -17.60 13.08
N ALA A 133 5.25 -16.27 13.14
CA ALA A 133 5.90 -15.31 12.26
C ALA A 133 7.22 -14.78 12.80
N TYR A 134 7.75 -15.38 13.86
N TYR A 134 7.71 -15.38 13.89
CA TYR A 134 9.02 -14.92 14.47
CA TYR A 134 8.96 -14.96 14.52
C TYR A 134 8.99 -13.42 14.83
C TYR A 134 8.99 -13.44 14.84
N ALA A 135 7.83 -12.94 15.25
CA ALA A 135 7.62 -11.52 15.65
C ALA A 135 7.35 -11.41 17.15
N LEU A 136 7.07 -12.54 17.81
CA LEU A 136 6.75 -12.53 19.22
C LEU A 136 7.87 -11.94 20.09
N GLU A 137 9.11 -12.37 19.86
CA GLU A 137 10.21 -11.90 20.69
C GLU A 137 10.37 -10.39 20.66
N PHE A 138 10.38 -9.79 19.47
CA PHE A 138 10.56 -8.32 19.41
C PHE A 138 9.34 -7.57 19.98
N ILE A 139 8.14 -8.12 19.81
CA ILE A 139 6.92 -7.47 20.33
C ILE A 139 6.89 -7.54 21.85
N GLU A 140 7.16 -8.71 22.43
CA GLU A 140 7.12 -8.85 23.91
C GLU A 140 8.20 -8.09 24.69
N LYS A 141 9.37 -7.86 24.08
CA LYS A 141 10.44 -7.08 24.74
C LYS A 141 10.04 -5.60 24.87
N LEU A 142 9.19 -5.14 23.96
CA LEU A 142 8.72 -3.73 23.95
C LEU A 142 8.03 -3.35 25.25
N PRO A 143 8.12 -2.06 25.64
CA PRO A 143 7.49 -1.65 26.89
C PRO A 143 6.01 -1.97 27.02
N GLN A 144 5.22 -1.80 25.96
CA GLN A 144 3.77 -2.12 26.00
C GLN A 144 3.37 -3.37 25.19
N GLY A 145 4.35 -4.15 24.74
CA GLY A 145 4.08 -5.37 23.99
C GLY A 145 3.09 -5.21 22.84
N PHE A 146 2.10 -6.10 22.77
CA PHE A 146 1.09 -6.05 21.71
C PHE A 146 0.22 -4.81 21.69
N ASP A 147 0.19 -4.08 22.81
CA ASP A 147 -0.59 -2.87 22.92
C ASP A 147 0.24 -1.66 22.52
N THR A 148 1.47 -1.89 22.07
CA THR A 148 2.34 -0.79 21.61
C THR A 148 1.71 -0.13 20.38
N VAL A 149 1.61 1.20 20.41
CA VAL A 149 1.04 1.95 19.31
C VAL A 149 2.13 2.31 18.33
N ILE A 150 2.02 1.83 17.09
N ILE A 150 1.95 1.87 17.09
CA ILE A 150 3.05 2.17 16.10
CA ILE A 150 2.84 2.16 15.97
C ILE A 150 2.83 3.63 15.65
C ILE A 150 2.78 3.65 15.60
N GLY A 151 3.91 4.25 15.22
CA GLY A 151 3.90 5.67 14.81
C GLY A 151 4.22 5.84 13.33
N GLU A 152 3.92 7.03 12.84
N GLU A 152 3.95 7.05 12.85
CA GLU A 152 4.17 7.42 11.45
CA GLU A 152 4.17 7.47 11.46
C GLU A 152 3.61 6.40 10.47
C GLU A 152 3.62 6.41 10.48
N ASN A 153 2.43 5.89 10.78
CA ASN A 153 1.76 4.88 9.95
C ASN A 153 2.64 3.69 9.58
N GLY A 154 3.47 3.26 10.51
CA GLY A 154 4.36 2.12 10.29
C GLY A 154 5.84 2.43 10.17
N ALA A 155 6.20 3.69 9.93
CA ALA A 155 7.63 4.03 9.77
C ALA A 155 8.42 3.87 11.09
N SER A 156 7.74 3.78 12.23
CA SER A 156 8.44 3.60 13.53
C SER A 156 9.10 2.22 13.64
N LEU A 157 8.59 1.27 12.87
CA LEU A 157 9.12 -0.08 12.85
C LEU A 157 10.18 -0.19 11.78
N SER A 158 11.04 -1.20 11.90
N SER A 158 11.05 -1.19 11.89
CA SER A 158 12.05 -1.49 10.90
CA SER A 158 12.05 -1.44 10.87
C SER A 158 11.36 -2.23 9.77
C SER A 158 11.35 -2.20 9.75
N GLY A 159 11.99 -2.29 8.60
CA GLY A 159 11.41 -3.01 7.46
C GLY A 159 11.27 -4.51 7.72
N GLY A 160 12.21 -5.08 8.46
CA GLY A 160 12.17 -6.51 8.77
C GLY A 160 10.98 -6.80 9.70
N GLN A 161 10.75 -5.87 10.62
CA GLN A 161 9.63 -5.96 11.55
C GLN A 161 8.31 -5.84 10.81
N ARG A 162 8.24 -4.90 9.85
CA ARG A 162 7.02 -4.73 9.04
C ARG A 162 6.69 -5.97 8.20
N GLN A 163 7.71 -6.65 7.64
CA GLN A 163 7.47 -7.89 6.86
C GLN A 163 6.91 -9.01 7.74
N ARG A 164 7.43 -9.15 8.95
CA ARG A 164 6.96 -10.19 9.86
C ARG A 164 5.52 -9.91 10.36
N LEU A 165 5.14 -8.64 10.49
CA LEU A 165 3.77 -8.32 10.85
C LEU A 165 2.83 -8.69 9.71
N ALA A 166 3.30 -8.53 8.47
CA ALA A 166 2.50 -8.92 7.28
C ALA A 166 2.33 -10.43 7.25
N ILE A 167 3.35 -11.14 7.70
CA ILE A 167 3.28 -12.60 7.75
C ILE A 167 2.32 -13.00 8.89
N ALA A 168 2.44 -12.34 10.04
CA ALA A 168 1.55 -12.64 11.19
C ALA A 168 0.10 -12.44 10.76
N ARG A 169 -0.13 -11.31 10.10
CA ARG A 169 -1.44 -10.97 9.59
C ARG A 169 -1.99 -12.09 8.69
N ALA A 170 -1.15 -12.62 7.80
CA ALA A 170 -1.56 -13.73 6.92
C ALA A 170 -1.82 -15.03 7.69
N LEU A 171 -0.93 -15.36 8.62
CA LEU A 171 -1.10 -16.57 9.43
C LEU A 171 -2.41 -16.54 10.24
N LEU A 172 -2.75 -15.35 10.75
CA LEU A 172 -3.98 -15.19 11.56
C LEU A 172 -5.24 -15.52 10.77
N ARG A 173 -5.35 -14.98 9.57
CA ARG A 173 -6.53 -15.28 8.73
C ARG A 173 -6.53 -16.75 8.23
N ASN A 174 -5.35 -17.37 8.20
CA ASN A 174 -5.19 -18.78 7.80
C ASN A 174 -5.82 -19.11 6.44
N SER A 175 -5.60 -18.21 5.50
CA SER A 175 -6.11 -18.41 4.14
C SER A 175 -5.48 -19.66 3.47
N PRO A 176 -6.27 -20.42 2.71
CA PRO A 176 -5.70 -21.60 2.04
C PRO A 176 -4.78 -21.31 0.85
N VAL A 177 -4.82 -20.07 0.34
CA VAL A 177 -3.96 -19.65 -0.76
C VAL A 177 -3.21 -18.40 -0.31
N LEU A 178 -1.89 -18.41 -0.53
CA LEU A 178 -1.03 -17.28 -0.21
C LEU A 178 -0.33 -16.82 -1.49
N ILE A 179 -0.36 -15.51 -1.74
CA ILE A 179 0.35 -14.87 -2.84
C ILE A 179 1.48 -14.05 -2.17
N LEU A 180 2.71 -14.47 -2.38
CA LEU A 180 3.87 -13.86 -1.74
C LEU A 180 4.71 -13.15 -2.76
N ASP A 181 4.91 -11.85 -2.57
CA ASP A 181 5.69 -11.03 -3.48
C ASP A 181 7.02 -10.71 -2.78
N GLU A 182 8.10 -11.33 -3.26
CA GLU A 182 9.43 -11.09 -2.71
C GLU A 182 10.08 -9.88 -3.41
N ALA A 183 10.81 -9.08 -2.65
CA ALA A 183 11.49 -7.90 -3.17
C ALA A 183 12.84 -8.32 -3.74
N THR A 184 13.30 -7.66 -4.82
CA THR A 184 14.58 -8.06 -5.43
C THR A 184 15.78 -7.60 -4.61
N THR A 189 18.33 -8.14 4.65
CA THR A 189 17.58 -7.54 5.76
C THR A 189 18.24 -7.94 7.09
N GLU A 190 18.17 -7.05 8.08
N GLU A 190 18.20 -7.04 8.08
CA GLU A 190 18.78 -7.32 9.40
CA GLU A 190 18.78 -7.32 9.41
C GLU A 190 18.21 -8.57 10.07
C GLU A 190 18.20 -8.58 10.05
N SER A 191 16.93 -8.86 9.78
CA SER A 191 16.25 -10.06 10.32
C SER A 191 15.84 -10.98 9.17
N GLU A 192 16.68 -11.08 8.13
CA GLU A 192 16.39 -11.94 6.97
C GLU A 192 16.20 -13.42 7.35
N ARG A 193 17.04 -13.90 8.27
CA ARG A 193 16.97 -15.30 8.75
C ARG A 193 15.61 -15.57 9.39
N ALA A 194 15.20 -14.64 10.26
CA ALA A 194 13.91 -14.77 10.95
C ALA A 194 12.77 -14.83 9.93
N ILE A 195 12.86 -14.00 8.90
CA ILE A 195 11.83 -13.97 7.87
C ILE A 195 11.76 -15.30 7.11
N GLN A 196 12.93 -15.86 6.77
CA GLN A 196 12.97 -17.15 6.06
C GLN A 196 12.31 -18.28 6.84
N SER A 197 12.52 -18.30 8.16
CA SER A 197 11.86 -19.30 9.00
C SER A 197 10.36 -18.99 9.07
N ALA A 198 10.04 -17.69 9.18
CA ALA A 198 8.63 -17.26 9.26
C ALA A 198 7.87 -17.63 7.99
N LEU A 199 8.52 -17.46 6.84
CA LEU A 199 7.92 -17.82 5.57
C LEU A 199 7.76 -19.35 5.46
N GLU A 200 8.72 -20.11 5.99
CA GLU A 200 8.62 -21.58 5.96
C GLU A 200 7.45 -22.06 6.82
N GLU A 201 7.05 -21.25 7.81
CA GLU A 201 5.90 -21.60 8.64
C GLU A 201 4.64 -21.21 7.89
N LEU A 202 4.66 -20.02 7.30
CA LEU A 202 3.51 -19.51 6.54
C LEU A 202 3.16 -20.38 5.34
N LYS A 203 4.20 -20.91 4.70
CA LYS A 203 4.02 -21.75 3.50
C LYS A 203 3.54 -23.18 3.77
N LYS A 204 3.62 -23.64 5.03
CA LYS A 204 3.15 -24.98 5.38
C LYS A 204 1.64 -25.19 5.20
N ASP A 205 1.26 -26.38 4.75
CA ASP A 205 -0.16 -26.77 4.62
C ASP A 205 -1.09 -25.80 3.87
N ARG A 206 -0.53 -25.01 2.97
CA ARG A 206 -1.36 -24.13 2.17
C ARG A 206 -0.77 -23.99 0.77
N THR A 207 -1.59 -23.53 -0.16
CA THR A 207 -1.14 -23.31 -1.53
C THR A 207 -0.41 -21.98 -1.56
N VAL A 208 0.76 -21.94 -2.18
CA VAL A 208 1.55 -20.71 -2.22
C VAL A 208 1.97 -20.40 -3.63
N VAL A 209 1.73 -19.17 -4.08
CA VAL A 209 2.21 -18.71 -5.38
C VAL A 209 3.17 -17.57 -5.03
N VAL A 210 4.44 -17.70 -5.42
CA VAL A 210 5.45 -16.71 -5.05
C VAL A 210 6.04 -15.99 -6.24
N ILE A 211 6.05 -14.65 -6.21
CA ILE A 211 6.79 -13.84 -7.21
C ILE A 211 8.15 -13.89 -6.52
N ALA A 212 9.01 -14.81 -6.97
CA ALA A 212 10.22 -15.19 -6.24
C ALA A 212 11.58 -14.61 -6.63
N HIS A 213 12.34 -14.28 -5.60
CA HIS A 213 13.71 -13.79 -5.73
C HIS A 213 14.72 -14.42 -4.76
N ARG A 214 14.24 -14.95 -3.63
N ARG A 214 14.25 -14.94 -3.62
CA ARG A 214 15.12 -15.61 -2.67
CA ARG A 214 15.14 -15.56 -2.65
C ARG A 214 15.56 -16.97 -3.13
C ARG A 214 15.56 -16.95 -3.10
N LEU A 215 16.86 -17.27 -3.02
CA LEU A 215 17.35 -18.59 -3.39
C LEU A 215 16.71 -19.68 -2.54
N SER A 216 16.51 -19.43 -1.25
CA SER A 216 15.91 -20.44 -0.38
C SER A 216 14.47 -20.76 -0.78
N THR A 217 13.71 -19.72 -1.14
CA THR A 217 12.33 -19.93 -1.57
C THR A 217 12.26 -20.74 -2.84
N ILE A 218 13.08 -20.33 -3.79
CA ILE A 218 13.10 -20.94 -5.13
C ILE A 218 13.58 -22.38 -5.11
N GLU A 219 14.67 -22.63 -4.39
CA GLU A 219 15.27 -23.96 -4.35
C GLU A 219 14.41 -24.98 -3.64
N ASN A 220 13.47 -24.51 -2.82
CA ASN A 220 12.57 -25.39 -2.07
C ASN A 220 11.14 -25.47 -2.61
N ALA A 221 10.85 -24.72 -3.67
CA ALA A 221 9.52 -24.75 -4.28
C ALA A 221 9.24 -26.12 -4.92
N ASP A 222 7.98 -26.55 -4.89
CA ASP A 222 7.58 -27.79 -5.51
C ASP A 222 7.69 -27.68 -7.03
N GLU A 223 7.38 -26.48 -7.55
CA GLU A 223 7.51 -26.19 -8.96
C GLU A 223 7.93 -24.77 -9.16
N ILE A 224 8.74 -24.57 -10.18
CA ILE A 224 9.24 -23.27 -10.63
C ILE A 224 8.77 -23.09 -12.06
N LEU A 225 8.17 -21.92 -12.33
CA LEU A 225 7.77 -21.55 -13.68
C LEU A 225 8.62 -20.35 -14.09
N VAL A 226 9.39 -20.50 -15.17
CA VAL A 226 10.24 -19.38 -15.68
C VAL A 226 9.39 -18.64 -16.68
N ILE A 227 9.05 -17.39 -16.36
CA ILE A 227 8.20 -16.56 -17.20
C ILE A 227 9.13 -15.68 -18.02
N ASP A 228 8.87 -15.60 -19.32
CA ASP A 228 9.71 -14.85 -20.26
C ASP A 228 8.79 -14.23 -21.32
N HIS A 229 8.77 -12.90 -21.37
CA HIS A 229 7.91 -12.16 -22.31
C HIS A 229 6.48 -12.71 -22.36
N GLY A 230 5.88 -12.89 -21.19
CA GLY A 230 4.48 -13.29 -21.10
C GLY A 230 4.14 -14.73 -21.35
N GLU A 231 5.15 -15.59 -21.43
CA GLU A 231 4.95 -17.02 -21.64
C GLU A 231 5.75 -17.82 -20.64
N ILE A 232 5.36 -19.07 -20.44
CA ILE A 232 6.12 -19.97 -19.56
C ILE A 232 7.18 -20.65 -20.43
N ARG A 233 8.44 -20.33 -20.18
CA ARG A 233 9.57 -20.85 -20.96
C ARG A 233 10.11 -22.19 -20.48
N GLU A 234 10.12 -22.38 -19.17
CA GLU A 234 10.63 -23.62 -18.55
C GLU A 234 9.78 -23.94 -17.32
N ARG A 235 9.68 -25.24 -17.00
CA ARG A 235 8.91 -25.72 -15.84
C ARG A 235 9.66 -26.84 -15.19
N GLY A 236 9.77 -26.84 -13.87
CA GLY A 236 10.42 -27.97 -13.16
C GLY A 236 10.66 -27.58 -11.74
N ASN A 237 11.66 -28.19 -11.11
CA ASN A 237 12.10 -27.74 -9.78
C ASN A 237 13.56 -27.34 -9.93
N HIS A 238 14.18 -26.91 -8.86
CA HIS A 238 15.57 -26.46 -8.93
C HIS A 238 16.48 -27.50 -9.58
N LYS A 239 16.38 -28.75 -9.13
CA LYS A 239 17.23 -29.81 -9.68
C LYS A 239 16.96 -30.11 -11.17
N THR A 240 15.69 -30.27 -11.57
CA THR A 240 15.40 -30.62 -12.98
C THR A 240 15.71 -29.47 -13.95
N LEU A 241 15.55 -28.26 -13.47
CA LEU A 241 15.85 -27.09 -14.30
C LEU A 241 17.36 -26.86 -14.44
N LEU A 242 18.12 -27.10 -13.38
CA LEU A 242 19.58 -27.02 -13.50
C LEU A 242 20.08 -28.01 -14.57
N GLU A 243 19.53 -29.22 -14.58
CA GLU A 243 19.90 -30.25 -15.57
C GLU A 243 19.72 -29.81 -17.01
N GLN A 244 18.75 -28.93 -17.23
CA GLN A 244 18.43 -28.45 -18.55
C GLN A 244 19.43 -27.43 -19.09
N ASN A 245 20.21 -26.83 -18.19
CA ASN A 245 21.23 -25.86 -18.59
C ASN A 245 20.62 -24.78 -19.49
N GLY A 246 19.50 -24.21 -19.05
CA GLY A 246 18.79 -23.22 -19.83
C GLY A 246 18.57 -21.90 -19.09
N ALA A 247 17.40 -21.33 -19.29
CA ALA A 247 17.06 -20.02 -18.70
C ALA A 247 17.07 -19.97 -17.19
N TYR A 248 16.48 -20.96 -16.53
CA TYR A 248 16.52 -20.99 -15.06
C TYR A 248 17.96 -21.01 -14.57
N LYS A 249 18.79 -21.86 -15.15
CA LYS A 249 20.17 -21.99 -14.68
C LYS A 249 20.91 -20.67 -14.79
N GLN A 250 20.71 -19.99 -15.90
CA GLN A 250 21.34 -18.69 -16.12
C GLN A 250 20.82 -17.64 -15.11
N LEU A 251 19.50 -17.60 -14.87
CA LEU A 251 18.92 -16.64 -13.91
C LEU A 251 19.42 -16.91 -12.51
N HIS A 252 19.52 -18.19 -12.17
CA HIS A 252 20.01 -18.65 -10.89
C HIS A 252 21.48 -18.25 -10.68
N SER A 253 22.28 -18.34 -11.77
N SER A 253 22.30 -18.39 -11.73
CA SER A 253 23.71 -17.98 -11.75
CA SER A 253 23.70 -17.98 -11.63
C SER A 253 23.91 -16.48 -11.44
C SER A 253 23.78 -16.51 -11.23
N MET A 254 22.93 -15.68 -11.83
CA MET A 254 22.91 -14.24 -11.53
C MET A 254 22.06 -13.91 -10.28
N GLN A 255 21.73 -14.94 -9.49
CA GLN A 255 21.02 -14.75 -8.21
C GLN A 255 19.64 -14.08 -8.29
N PHE A 256 18.93 -14.33 -9.39
CA PHE A 256 17.61 -13.75 -9.62
C PHE A 256 17.57 -12.25 -9.44
N THR A 257 18.65 -11.59 -9.90
CA THR A 257 18.73 -10.14 -9.86
C THR A 257 18.24 -9.49 -11.16
N GLY A 258 17.90 -10.30 -12.15
CA GLY A 258 17.36 -9.81 -13.41
C GLY A 258 15.91 -9.35 -13.27
N LYS B 4 -21.40 0.87 7.98
CA LYS B 4 -20.24 1.80 7.78
C LYS B 4 -20.54 2.84 6.70
N ASP B 5 -20.86 2.39 5.49
CA ASP B 5 -21.16 3.31 4.39
C ASP B 5 -22.66 3.66 4.41
N ASP B 6 -23.09 4.24 5.53
CA ASP B 6 -24.49 4.62 5.73
C ASP B 6 -24.89 5.94 5.03
N GLY B 7 -23.92 6.80 4.74
CA GLY B 7 -24.22 8.10 4.13
C GLY B 7 -24.76 8.11 2.70
N ALA B 8 -25.74 8.99 2.46
CA ALA B 8 -26.33 9.13 1.12
C ALA B 8 -26.01 10.46 0.45
N TYR B 9 -25.30 11.35 1.15
N TYR B 9 -25.27 11.33 1.15
CA TYR B 9 -25.04 12.66 0.58
CA TYR B 9 -24.94 12.67 0.67
C TYR B 9 -23.71 12.72 -0.17
C TYR B 9 -23.70 12.68 -0.20
N LYS B 10 -23.65 13.61 -1.16
CA LYS B 10 -22.48 13.79 -2.01
C LYS B 10 -22.23 15.26 -2.32
N ALA B 11 -20.95 15.59 -2.52
CA ALA B 11 -20.55 16.92 -2.96
C ALA B 11 -19.78 16.66 -4.24
N GLU B 12 -20.24 17.25 -5.34
CA GLU B 12 -19.60 17.05 -6.64
C GLU B 12 -19.34 18.37 -7.33
N PRO B 13 -18.26 19.06 -6.96
CA PRO B 13 -17.32 18.65 -5.92
C PRO B 13 -17.54 19.42 -4.62
N ALA B 14 -16.87 18.98 -3.56
CA ALA B 14 -16.87 19.74 -2.32
C ALA B 14 -16.03 20.99 -2.55
N LYS B 15 -16.33 22.06 -1.82
CA LYS B 15 -15.52 23.28 -1.85
C LYS B 15 -14.19 22.99 -1.16
N GLY B 16 -14.22 22.16 -0.12
CA GLY B 16 -13.00 21.79 0.61
C GLY B 16 -12.80 22.35 2.01
N GLU B 17 -13.86 22.83 2.66
N GLU B 17 -13.87 22.85 2.64
CA GLU B 17 -13.72 23.35 4.02
CA GLU B 17 -13.79 23.35 4.00
C GLU B 17 -13.71 22.21 5.04
C GLU B 17 -13.69 22.11 4.89
N LEU B 18 -12.64 22.11 5.81
N LEU B 18 -12.76 22.11 5.85
CA LEU B 18 -12.56 21.04 6.78
CA LEU B 18 -12.57 20.95 6.72
C LEU B 18 -12.66 21.57 8.19
C LEU B 18 -12.46 21.39 8.19
N GLU B 19 -13.24 20.78 9.08
CA GLU B 19 -13.26 21.15 10.48
C GLU B 19 -13.33 19.96 11.40
N PHE B 20 -12.47 19.97 12.41
CA PHE B 20 -12.51 19.00 13.53
C PHE B 20 -13.12 19.80 14.68
N LYS B 21 -14.18 19.27 15.30
CA LYS B 21 -14.82 19.96 16.43
C LYS B 21 -14.89 18.97 17.60
N ASN B 22 -14.10 19.23 18.64
CA ASN B 22 -14.09 18.42 19.87
C ASN B 22 -13.88 16.91 19.62
N VAL B 23 -12.93 16.61 18.75
CA VAL B 23 -12.64 15.23 18.37
C VAL B 23 -11.76 14.49 19.34
N SER B 24 -12.25 13.36 19.85
CA SER B 24 -11.45 12.49 20.70
C SER B 24 -11.53 11.10 20.06
N PHE B 25 -10.46 10.34 20.21
CA PHE B 25 -10.37 9.02 19.59
C PHE B 25 -9.41 8.13 20.37
N ALA B 26 -9.82 6.86 20.53
CA ALA B 26 -9.01 5.85 21.17
C ALA B 26 -9.01 4.62 20.25
N TYR B 27 -7.87 3.96 20.15
CA TYR B 27 -7.75 2.75 19.34
C TYR B 27 -8.58 1.66 20.02
N GLN B 28 -9.12 0.74 19.22
CA GLN B 28 -9.92 -0.37 19.74
C GLN B 28 -9.13 -1.14 20.79
N GLY B 29 -9.72 -1.37 21.95
CA GLY B 29 -9.04 -2.10 23.03
C GLY B 29 -8.13 -1.25 23.92
N GLU B 31 -7.99 2.20 26.56
CA GLU B 31 -8.78 3.16 27.34
C GLU B 31 -8.21 4.57 27.14
N GLU B 32 -6.89 4.68 27.05
CA GLU B 32 -6.20 5.96 26.88
C GLU B 32 -6.51 6.56 25.51
N LEU B 33 -6.62 7.89 25.43
CA LEU B 33 -6.94 8.53 24.16
C LEU B 33 -5.74 8.76 23.25
N ALA B 34 -5.92 8.46 21.96
CA ALA B 34 -4.88 8.75 20.95
C ALA B 34 -4.94 10.23 20.59
N LEU B 35 -6.16 10.78 20.61
CA LEU B 35 -6.41 12.17 20.32
C LEU B 35 -7.39 12.67 21.36
N ASN B 36 -7.12 13.85 21.91
CA ASN B 36 -7.96 14.38 22.99
C ASN B 36 -8.44 15.80 22.74
N ASN B 37 -9.74 15.91 22.48
CA ASN B 37 -10.44 17.18 22.23
C ASN B 37 -9.76 18.06 21.18
N ILE B 38 -9.53 17.47 20.02
CA ILE B 38 -8.93 18.14 18.87
C ILE B 38 -9.97 19.02 18.15
N SER B 39 -9.67 20.31 18.02
CA SER B 39 -10.51 21.26 17.30
C SER B 39 -9.64 22.15 16.42
N PHE B 40 -9.91 22.16 15.12
CA PHE B 40 -9.24 23.07 14.18
C PHE B 40 -10.08 23.18 12.92
N SER B 41 -9.89 24.29 12.22
CA SER B 41 -10.61 24.52 10.98
C SER B 41 -9.63 24.83 9.90
N VAL B 42 -9.91 24.33 8.70
CA VAL B 42 -9.11 24.62 7.51
C VAL B 42 -10.05 25.21 6.45
N PRO B 43 -9.96 26.53 6.22
CA PRO B 43 -10.80 27.10 5.16
C PRO B 43 -10.44 26.50 3.82
N ALA B 44 -11.40 26.49 2.90
CA ALA B 44 -11.15 25.94 1.57
C ALA B 44 -9.93 26.61 0.93
N GLY B 45 -9.05 25.80 0.36
CA GLY B 45 -7.86 26.29 -0.34
C GLY B 45 -6.61 26.56 0.48
N LYS B 46 -6.65 26.29 1.79
CA LYS B 46 -5.53 26.55 2.65
C LYS B 46 -4.73 25.28 2.89
N THR B 47 -3.48 25.47 3.30
CA THR B 47 -2.57 24.35 3.61
C THR B 47 -2.25 24.38 5.08
N VAL B 48 -2.53 23.26 5.77
N VAL B 48 -2.56 23.27 5.77
CA VAL B 48 -2.26 23.10 7.19
CA VAL B 48 -2.20 23.12 7.15
C VAL B 48 -1.27 21.95 7.40
C VAL B 48 -1.18 22.00 7.25
N ALA B 49 -0.12 22.25 8.00
CA ALA B 49 0.94 21.26 8.25
C ALA B 49 0.82 20.76 9.68
N LEU B 50 0.72 19.44 9.84
CA LEU B 50 0.67 18.80 11.14
C LEU B 50 2.09 18.33 11.41
N VAL B 51 2.70 18.83 12.49
CA VAL B 51 4.08 18.47 12.84
C VAL B 51 4.09 17.95 14.25
N GLY B 52 5.08 17.13 14.57
CA GLY B 52 5.15 16.55 15.88
C GLY B 52 6.02 15.33 15.87
N ARG B 53 6.41 14.91 17.06
CA ARG B 53 7.28 13.74 17.18
C ARG B 53 6.51 12.47 16.83
N SER B 54 7.23 11.42 16.43
CA SER B 54 6.61 10.12 16.18
C SER B 54 5.81 9.72 17.44
N GLY B 55 4.60 9.19 17.23
CA GLY B 55 3.73 8.80 18.33
C GLY B 55 2.78 9.88 18.78
N SER B 56 2.87 11.05 18.15
CA SER B 56 2.07 12.18 18.56
C SER B 56 0.60 12.05 18.26
N GLY B 57 0.25 11.33 17.20
CA GLY B 57 -1.14 11.24 16.75
C GLY B 57 -1.41 12.08 15.51
N LYS B 58 -0.41 12.85 15.06
CA LYS B 58 -0.58 13.64 13.84
C LYS B 58 -1.06 12.78 12.66
N SER B 59 -0.55 11.55 12.52
CA SER B 59 -0.97 10.67 11.42
C SER B 59 -2.40 10.15 11.63
N THR B 60 -2.82 10.02 12.88
CA THR B 60 -4.17 9.58 13.19
C THR B 60 -5.19 10.64 12.74
N ILE B 61 -4.85 11.91 12.94
CA ILE B 61 -5.69 13.01 12.51
C ILE B 61 -5.92 12.90 11.00
N ALA B 62 -4.84 12.72 10.24
CA ALA B 62 -4.94 12.62 8.80
C ALA B 62 -5.74 11.39 8.38
N ASN B 63 -5.45 10.25 9.00
CA ASN B 63 -6.18 9.02 8.70
C ASN B 63 -7.71 9.15 8.90
N LEU B 64 -8.13 9.92 9.90
CA LEU B 64 -9.54 10.07 10.22
C LEU B 64 -10.31 10.83 9.14
N VAL B 65 -9.64 11.72 8.41
CA VAL B 65 -10.30 12.50 7.37
C VAL B 65 -10.97 11.63 6.30
N THR B 66 -10.33 10.49 5.96
CA THR B 66 -10.89 9.58 4.94
C THR B 66 -11.58 8.37 5.55
N ARG B 67 -11.93 8.48 6.83
CA ARG B 67 -12.58 7.42 7.57
C ARG B 67 -11.83 6.09 7.59
N PHE B 68 -10.50 6.15 7.74
CA PHE B 68 -9.77 4.89 7.87
C PHE B 68 -10.35 4.17 9.12
N TYR B 69 -10.74 4.99 10.09
CA TYR B 69 -11.47 4.60 11.29
C TYR B 69 -12.46 5.75 11.59
N ASP B 70 -13.50 5.46 12.36
CA ASP B 70 -14.51 6.47 12.68
C ASP B 70 -14.40 6.90 14.13
N ILE B 71 -14.84 8.13 14.40
CA ILE B 71 -14.88 8.62 15.76
C ILE B 71 -16.30 8.44 16.31
N GLU B 72 -16.40 8.49 17.64
CA GLU B 72 -17.66 8.43 18.36
C GLU B 72 -17.84 9.68 19.24
N GLN B 73 -16.84 10.55 19.30
CA GLN B 73 -16.88 11.74 20.14
C GLN B 73 -16.43 12.89 19.27
N GLY B 74 -17.28 13.91 19.14
CA GLY B 74 -16.98 15.06 18.31
C GLY B 74 -17.40 14.82 16.88
N GLU B 75 -16.99 15.72 16.01
CA GLU B 75 -17.33 15.65 14.61
C GLU B 75 -16.22 16.13 13.70
N ILE B 76 -16.12 15.49 12.54
CA ILE B 76 -15.21 15.92 11.46
C ILE B 76 -16.19 16.27 10.34
N LEU B 77 -16.08 17.51 9.88
CA LEU B 77 -16.97 18.08 8.90
C LEU B 77 -16.27 18.46 7.60
N LEU B 78 -16.90 18.12 6.48
CA LEU B 78 -16.43 18.52 5.15
C LEU B 78 -17.55 19.43 4.61
N ASP B 79 -17.23 20.69 4.34
CA ASP B 79 -18.24 21.68 3.90
C ASP B 79 -19.44 21.70 4.87
N GLY B 80 -19.13 21.64 6.15
CA GLY B 80 -20.13 21.69 7.23
C GLY B 80 -21.00 20.46 7.43
N VAL B 81 -20.71 19.36 6.72
CA VAL B 81 -21.50 18.11 6.83
C VAL B 81 -20.59 17.04 7.42
N ASN B 82 -21.09 16.29 8.40
CA ASN B 82 -20.27 15.24 9.01
C ASN B 82 -19.80 14.27 7.94
N ILE B 83 -18.50 13.95 7.95
CA ILE B 83 -17.95 13.02 6.94
C ILE B 83 -18.66 11.66 6.92
N GLN B 84 -19.24 11.26 8.04
CA GLN B 84 -19.96 9.99 8.11
C GLN B 84 -21.27 10.03 7.30
N ASP B 85 -21.78 11.23 7.03
CA ASP B 85 -23.03 11.39 6.27
C ASP B 85 -22.85 11.34 4.75
N TYR B 86 -21.62 11.42 4.27
CA TYR B 86 -21.33 11.30 2.84
C TYR B 86 -21.24 9.85 2.43
N ARG B 87 -21.65 9.55 1.19
CA ARG B 87 -21.40 8.22 0.62
C ARG B 87 -19.87 8.10 0.66
N LEU B 88 -19.35 7.01 1.22
CA LEU B 88 -17.89 6.83 1.38
C LEU B 88 -17.09 7.03 0.08
N SER B 89 -17.64 6.54 -1.03
CA SER B 89 -17.00 6.70 -2.35
C SER B 89 -16.83 8.17 -2.74
N ASN B 90 -17.81 9.00 -2.39
CA ASN B 90 -17.74 10.43 -2.66
C ASN B 90 -16.77 11.15 -1.71
N LEU B 91 -16.74 10.75 -0.42
CA LEU B 91 -15.78 11.32 0.53
C LEU B 91 -14.38 11.06 -0.01
N ARG B 92 -14.13 9.83 -0.45
CA ARG B 92 -12.81 9.46 -0.98
C ARG B 92 -12.48 10.12 -2.33
N GLU B 93 -13.50 10.43 -3.12
N GLU B 93 -13.49 10.43 -3.13
CA GLU B 93 -13.34 11.15 -4.38
CA GLU B 93 -13.22 11.13 -4.38
C GLU B 93 -12.94 12.60 -4.13
C GLU B 93 -12.85 12.59 -4.07
N ASN B 94 -13.48 13.18 -3.06
CA ASN B 94 -13.17 14.58 -2.69
C ASN B 94 -11.87 14.74 -1.92
N CYS B 95 -11.44 13.69 -1.23
CA CYS B 95 -10.27 13.74 -0.35
C CYS B 95 -9.20 12.72 -0.78
N ALA B 96 -8.24 13.14 -1.62
CA ALA B 96 -7.16 12.28 -2.14
C ALA B 96 -6.01 12.15 -1.16
N VAL B 97 -5.38 10.98 -1.14
CA VAL B 97 -4.25 10.75 -0.24
C VAL B 97 -3.01 10.52 -1.08
N VAL B 98 -1.90 11.13 -0.68
N VAL B 98 -1.92 11.18 -0.72
CA VAL B 98 -0.61 10.88 -1.30
CA VAL B 98 -0.66 11.11 -1.47
C VAL B 98 0.31 10.39 -0.19
C VAL B 98 0.56 10.80 -0.62
N SER B 99 0.86 9.20 -0.34
N SER B 99 1.30 9.76 -1.03
CA SER B 99 1.76 8.66 0.69
CA SER B 99 2.49 9.36 -0.30
C SER B 99 2.73 7.66 0.09
C SER B 99 3.37 8.50 -1.19
N GLN B 100 3.81 7.34 0.81
N GLN B 100 4.44 8.02 -0.60
CA GLN B 100 4.76 6.40 0.26
CA GLN B 100 5.39 7.15 -1.28
C GLN B 100 4.02 5.10 -0.06
C GLN B 100 4.81 5.73 -1.37
N GLN B 101 2.87 4.94 0.58
N GLN B 101 4.09 5.33 -0.32
CA GLN B 101 2.03 3.77 0.38
CA GLN B 101 3.51 4.00 -0.23
C GLN B 101 1.19 3.89 -0.89
C GLN B 101 2.38 3.77 -1.26
N VAL B 102 1.74 4.52 -1.93
N VAL B 102 2.17 4.73 -2.15
CA VAL B 102 1.02 4.67 -3.19
CA VAL B 102 1.11 4.63 -3.18
C VAL B 102 1.10 3.35 -3.97
C VAL B 102 1.13 3.28 -3.91
N HIS B 103 -0.05 2.72 -4.19
CA HIS B 103 -0.13 1.43 -4.86
C HIS B 103 0.10 1.52 -6.38
N LEU B 104 1.20 0.92 -6.85
CA LEU B 104 1.51 0.83 -8.27
C LEU B 104 1.41 -0.66 -8.60
N PHE B 105 1.29 -0.95 -9.87
CA PHE B 105 1.07 -2.32 -10.31
C PHE B 105 1.49 -2.50 -11.74
N ASN B 106 1.75 -3.74 -12.13
CA ASN B 106 2.10 -4.01 -13.51
C ASN B 106 0.98 -3.54 -14.42
N ASP B 107 1.31 -2.58 -15.29
CA ASP B 107 0.39 -1.98 -16.24
C ASP B 107 1.17 -0.81 -16.84
N THR B 108 0.58 -0.10 -17.78
CA THR B 108 1.26 1.05 -18.37
C THR B 108 1.32 2.20 -17.40
N ILE B 109 2.27 3.12 -17.63
N ILE B 109 2.25 3.12 -17.65
CA ILE B 109 2.38 4.32 -16.81
CA ILE B 109 2.38 4.34 -16.85
C ILE B 109 1.05 5.09 -16.84
C ILE B 109 1.06 5.10 -16.84
N ALA B 110 0.47 5.27 -18.02
CA ALA B 110 -0.82 5.97 -18.16
C ALA B 110 -1.92 5.34 -17.30
N ASN B 111 -2.05 4.01 -17.35
CA ASN B 111 -3.07 3.33 -16.55
C ASN B 111 -2.80 3.44 -15.06
N ASN B 112 -1.54 3.48 -14.67
CA ASN B 112 -1.19 3.69 -13.25
C ASN B 112 -1.57 5.10 -12.82
N ILE B 113 -1.44 6.07 -13.72
CA ILE B 113 -1.83 7.45 -13.37
C ILE B 113 -3.37 7.52 -13.30
N ALA B 114 -4.04 6.93 -14.28
CA ALA B 114 -5.51 6.94 -14.33
C ALA B 114 -6.22 6.08 -13.25
N TYR B 115 -5.54 5.06 -12.71
CA TYR B 115 -6.09 4.23 -11.65
C TYR B 115 -6.90 5.03 -10.62
N ASP B 119 -14.75 7.94 -13.36
CA ASP B 119 -14.70 8.98 -14.38
C ASP B 119 -13.46 8.74 -15.24
N LYS B 120 -13.67 8.47 -16.54
CA LYS B 120 -12.57 8.22 -17.46
C LYS B 120 -11.91 9.51 -17.93
N TYR B 121 -10.59 9.46 -18.11
CA TYR B 121 -9.79 10.59 -18.56
C TYR B 121 -9.11 10.26 -19.89
N SER B 122 -8.87 11.29 -20.69
CA SER B 122 -8.21 11.12 -21.99
C SER B 122 -6.70 11.06 -21.79
N ARG B 123 -5.99 10.63 -22.84
CA ARG B 123 -4.53 10.61 -22.82
C ARG B 123 -4.03 12.06 -22.60
N GLU B 124 -4.70 13.03 -23.24
N GLU B 124 -4.69 13.04 -23.23
CA GLU B 124 -4.38 14.45 -23.12
CA GLU B 124 -4.29 14.45 -23.10
C GLU B 124 -4.37 14.87 -21.64
C GLU B 124 -4.37 14.91 -21.63
N GLU B 125 -5.42 14.51 -20.93
CA GLU B 125 -5.58 14.86 -19.50
C GLU B 125 -4.51 14.17 -18.63
N ILE B 126 -4.18 12.94 -18.99
CA ILE B 126 -3.15 12.22 -18.27
C ILE B 126 -1.78 12.89 -18.48
N ILE B 127 -1.51 13.33 -19.70
CA ILE B 127 -0.25 14.02 -20.01
C ILE B 127 -0.15 15.32 -19.22
N ALA B 128 -1.24 16.08 -19.16
CA ALA B 128 -1.27 17.35 -18.44
C ALA B 128 -0.96 17.14 -16.95
N ALA B 129 -1.52 16.06 -16.39
CA ALA B 129 -1.28 15.71 -14.98
C ALA B 129 0.20 15.37 -14.71
N ALA B 130 0.80 14.59 -15.60
CA ALA B 130 2.22 14.22 -15.53
C ALA B 130 3.14 15.46 -15.66
N LYS B 131 2.75 16.39 -16.51
CA LYS B 131 3.54 17.63 -16.69
C LYS B 131 3.57 18.46 -15.42
N ALA B 132 2.39 18.63 -14.83
CA ALA B 132 2.23 19.41 -13.61
C ALA B 132 2.96 18.76 -12.43
N ALA B 133 3.11 17.44 -12.50
CA ALA B 133 3.80 16.65 -11.50
C ALA B 133 5.29 16.51 -11.78
N TYR B 134 5.83 17.26 -12.75
N TYR B 134 5.79 17.24 -12.78
CA TYR B 134 7.25 17.15 -13.12
CA TYR B 134 7.19 17.18 -13.18
C TYR B 134 7.69 15.70 -13.46
C TYR B 134 7.67 15.73 -13.46
N ALA B 135 6.77 14.95 -14.07
CA ALA B 135 7.02 13.55 -14.47
C ALA B 135 7.05 13.40 -15.98
N LEU B 136 6.62 14.44 -16.71
CA LEU B 136 6.57 14.36 -18.15
C LEU B 136 7.91 14.09 -18.80
N GLU B 137 8.95 14.82 -18.37
CA GLU B 137 10.25 14.69 -19.00
C GLU B 137 10.80 13.27 -18.92
N PHE B 138 10.75 12.63 -17.74
CA PHE B 138 11.28 11.24 -17.63
C PHE B 138 10.40 10.23 -18.37
N ILE B 139 9.09 10.46 -18.40
CA ILE B 139 8.17 9.54 -19.09
C ILE B 139 8.38 9.60 -20.60
N GLU B 140 8.44 10.81 -21.17
CA GLU B 140 8.61 10.96 -22.62
C GLU B 140 9.98 10.53 -23.18
N LYS B 141 11.03 10.58 -22.37
CA LYS B 141 12.36 10.10 -22.83
C LYS B 141 12.39 8.58 -22.97
N LEU B 142 11.53 7.88 -22.20
CA LEU B 142 11.45 6.41 -22.24
C LEU B 142 11.10 5.91 -23.64
N PRO B 143 11.60 4.72 -24.03
CA PRO B 143 11.34 4.21 -25.37
C PRO B 143 9.85 4.15 -25.74
N GLN B 144 9.00 3.75 -24.80
CA GLN B 144 7.53 3.64 -25.03
C GLN B 144 6.69 4.76 -24.38
N GLY B 145 7.33 5.76 -23.79
CA GLY B 145 6.61 6.86 -23.17
C GLY B 145 5.54 6.43 -22.18
N PHE B 146 4.36 7.04 -22.29
CA PHE B 146 3.22 6.71 -21.41
C PHE B 146 2.70 5.30 -21.54
N ASP B 147 3.05 4.63 -22.63
CA ASP B 147 2.62 3.26 -22.85
C ASP B 147 3.64 2.27 -22.28
N THR B 148 4.68 2.78 -21.62
CA THR B 148 5.70 1.92 -21.00
C THR B 148 5.07 1.08 -19.89
N VAL B 149 5.31 -0.23 -19.91
CA VAL B 149 4.79 -1.12 -18.90
C VAL B 149 5.75 -1.19 -17.74
N ILE B 150 5.29 -0.81 -16.55
N ILE B 150 5.24 -0.87 -16.55
CA ILE B 150 6.18 -0.90 -15.39
CA ILE B 150 5.99 -0.93 -15.31
C ILE B 150 6.27 -2.37 -14.94
C ILE B 150 6.24 -2.41 -14.93
N GLY B 151 7.39 -2.70 -14.32
CA GLY B 151 7.68 -4.07 -13.89
C GLY B 151 7.77 -4.18 -12.39
N GLU B 152 7.73 -5.42 -11.92
N GLU B 152 7.74 -5.43 -11.92
CA GLU B 152 7.82 -5.74 -10.49
CA GLU B 152 7.83 -5.79 -10.50
C GLU B 152 6.85 -4.92 -9.66
C GLU B 152 6.84 -4.98 -9.64
N ASN B 153 5.63 -4.75 -10.17
CA ASN B 153 4.59 -3.98 -9.49
C ASN B 153 5.05 -2.60 -9.00
N GLY B 154 5.93 -1.97 -9.77
CA GLY B 154 6.46 -0.65 -9.43
C GLY B 154 7.92 -0.57 -9.06
N ALA B 155 8.55 -1.69 -8.73
CA ALA B 155 9.96 -1.66 -8.33
C ALA B 155 10.90 -1.28 -9.49
N SER B 156 10.43 -1.35 -10.73
CA SER B 156 11.27 -0.97 -11.90
C SER B 156 11.56 0.54 -11.92
N LEU B 157 10.69 1.31 -11.30
CA LEU B 157 10.87 2.77 -11.21
C LEU B 157 11.66 3.13 -9.96
N SER B 158 12.24 4.33 -9.96
N SER B 158 12.25 4.31 -9.94
CA SER B 158 12.96 4.83 -8.80
CA SER B 158 12.96 4.78 -8.76
C SER B 158 11.90 5.34 -7.82
C SER B 158 11.89 5.31 -7.81
N GLY B 159 12.27 5.52 -6.55
CA GLY B 159 11.32 6.04 -5.54
C GLY B 159 10.84 7.46 -5.84
N GLY B 160 11.72 8.29 -6.41
CA GLY B 160 11.38 9.66 -6.76
C GLY B 160 10.39 9.67 -7.92
N GLN B 161 10.54 8.70 -8.82
CA GLN B 161 9.64 8.55 -9.96
C GLN B 161 8.27 8.07 -9.46
N ARG B 162 8.27 7.16 -8.48
CA ARG B 162 7.02 6.67 -7.89
C ARG B 162 6.25 7.78 -7.15
N GLN B 163 6.96 8.67 -6.43
CA GLN B 163 6.29 9.79 -5.74
C GLN B 163 5.63 10.75 -6.74
N ARG B 164 6.31 11.00 -7.85
CA ARG B 164 5.74 11.92 -8.85
C ARG B 164 4.54 11.30 -9.58
N LEU B 165 4.54 9.98 -9.77
CA LEU B 165 3.37 9.33 -10.37
C LEU B 165 2.19 9.44 -9.40
N ALA B 166 2.48 9.39 -8.10
CA ALA B 166 1.42 9.53 -7.08
C ALA B 166 0.85 10.94 -7.09
N ILE B 167 1.71 11.91 -7.36
CA ILE B 167 1.28 13.31 -7.44
C ILE B 167 0.46 13.48 -8.73
N ALA B 168 0.92 12.88 -9.83
CA ALA B 168 0.19 12.99 -11.10
C ALA B 168 -1.20 12.39 -10.95
N ARG B 169 -1.26 11.22 -10.31
CA ARG B 169 -2.52 10.53 -10.07
C ARG B 169 -3.47 11.47 -9.30
N ALA B 170 -2.94 12.16 -8.31
CA ALA B 170 -3.74 13.10 -7.50
C ALA B 170 -4.20 14.31 -8.30
N LEU B 171 -3.27 14.90 -9.07
CA LEU B 171 -3.63 16.05 -9.93
C LEU B 171 -4.74 15.70 -10.96
N LEU B 172 -4.69 14.50 -11.50
CA LEU B 172 -5.68 14.05 -12.48
C LEU B 172 -7.09 14.04 -11.91
N ARG B 173 -7.25 13.47 -10.72
CA ARG B 173 -8.55 13.45 -10.04
C ARG B 173 -9.03 14.85 -9.71
N ASN B 174 -8.07 15.76 -9.46
CA ASN B 174 -8.35 17.15 -9.13
C ASN B 174 -9.26 17.28 -7.88
N SER B 175 -8.98 16.46 -6.90
CA SER B 175 -9.74 16.48 -5.64
C SER B 175 -9.57 17.82 -4.89
N PRO B 176 -10.66 18.35 -4.29
CA PRO B 176 -10.54 19.61 -3.56
C PRO B 176 -9.78 19.53 -2.22
N VAL B 177 -9.61 18.31 -1.70
CA VAL B 177 -8.86 18.10 -0.47
C VAL B 177 -7.76 17.08 -0.74
N LEU B 178 -6.54 17.42 -0.31
CA LEU B 178 -5.37 16.54 -0.45
C LEU B 178 -4.81 16.25 0.94
N ILE B 179 -4.54 14.97 1.22
CA ILE B 179 -3.90 14.51 2.44
C ILE B 179 -2.49 14.03 1.98
N LEU B 180 -1.46 14.74 2.40
CA LEU B 180 -0.10 14.46 1.96
C LEU B 180 0.70 13.96 3.12
N ASP B 181 1.25 12.75 2.99
CA ASP B 181 2.04 12.13 4.05
C ASP B 181 3.50 12.18 3.61
N GLU B 182 4.29 13.05 4.23
CA GLU B 182 5.71 13.16 3.93
C GLU B 182 6.52 12.12 4.73
N ALA B 183 7.53 11.54 4.10
CA ALA B 183 8.40 10.53 4.73
C ALA B 183 9.46 11.24 5.57
N THR B 184 9.83 10.68 6.72
CA THR B 184 10.83 11.33 7.59
C THR B 184 12.26 11.16 7.06
N THR B 189 16.08 12.60 -1.71
CA THR B 189 15.73 11.85 -2.92
C THR B 189 16.50 12.43 -4.12
N GLU B 190 16.83 11.57 -5.09
N GLU B 190 16.87 11.58 -5.08
CA GLU B 190 17.59 12.00 -6.28
CA GLU B 190 17.60 12.02 -6.27
C GLU B 190 16.86 13.10 -7.07
C GLU B 190 16.85 13.11 -7.06
N SER B 191 15.53 13.09 -6.99
CA SER B 191 14.69 14.09 -7.68
C SER B 191 13.86 14.88 -6.65
N GLU B 192 14.48 15.20 -5.51
CA GLU B 192 13.78 15.96 -4.45
C GLU B 192 13.32 17.35 -4.90
N ARG B 193 14.17 18.04 -5.66
CA ARG B 193 13.84 19.39 -6.16
C ARG B 193 12.58 19.34 -7.01
N ALA B 194 12.53 18.37 -7.93
CA ALA B 194 11.39 18.21 -8.81
C ALA B 194 10.12 17.92 -8.01
N ILE B 195 10.24 17.14 -6.95
CA ILE B 195 9.09 16.80 -6.12
C ILE B 195 8.53 18.05 -5.43
N GLN B 196 9.42 18.90 -4.90
CA GLN B 196 9.02 20.15 -4.23
C GLN B 196 8.23 21.04 -5.17
N SER B 197 8.68 21.15 -6.42
CA SER B 197 7.97 21.94 -7.40
C SER B 197 6.63 21.25 -7.70
N ALA B 198 6.67 19.92 -7.81
CA ALA B 198 5.45 19.15 -8.12
C ALA B 198 4.41 19.31 -7.03
N LEU B 199 4.86 19.28 -5.77
CA LEU B 199 3.98 19.47 -4.63
C LEU B 199 3.45 20.90 -4.58
N GLU B 200 4.25 21.88 -4.95
CA GLU B 200 3.77 23.27 -4.96
C GLU B 200 2.66 23.45 -6.01
N GLU B 201 2.70 22.63 -7.08
CA GLU B 201 1.65 22.66 -8.09
C GLU B 201 0.42 21.92 -7.58
N LEU B 202 0.66 20.80 -6.90
CA LEU B 202 -0.44 19.98 -6.36
C LEU B 202 -1.20 20.73 -5.27
N LYS B 203 -0.47 21.48 -4.46
CA LYS B 203 -1.06 22.21 -3.33
C LYS B 203 -1.82 23.50 -3.70
N LYS B 204 -1.65 23.98 -4.93
CA LYS B 204 -2.29 25.25 -5.34
C LYS B 204 -3.82 25.07 -5.52
N ASP B 205 -4.62 26.06 -5.12
CA ASP B 205 -6.09 26.04 -5.31
C ASP B 205 -6.86 24.88 -4.65
N ARG B 206 -6.27 24.22 -3.68
CA ARG B 206 -6.99 23.17 -2.99
C ARG B 206 -6.63 23.15 -1.52
N THR B 207 -7.46 22.49 -0.73
CA THR B 207 -7.21 22.34 0.70
C THR B 207 -6.20 21.23 0.88
N VAL B 208 -5.18 21.48 1.68
CA VAL B 208 -4.13 20.48 1.88
C VAL B 208 -3.88 20.27 3.36
N VAL B 209 -3.88 19.00 3.79
CA VAL B 209 -3.52 18.64 5.16
C VAL B 209 -2.27 17.78 5.01
N VAL B 210 -1.15 18.21 5.60
CA VAL B 210 0.13 17.52 5.44
C VAL B 210 0.65 16.94 6.74
N ILE B 211 1.01 15.65 6.72
CA ILE B 211 1.76 15.04 7.86
C ILE B 211 3.14 15.45 7.41
N ALA B 212 3.64 16.55 7.98
CA ALA B 212 4.82 17.26 7.46
C ALA B 212 6.19 17.03 8.09
N HIS B 213 7.18 16.91 7.20
CA HIS B 213 8.57 16.77 7.58
C HIS B 213 9.55 17.66 6.78
N ARG B 214 9.15 18.09 5.58
N ARG B 214 9.17 18.07 5.58
CA ARG B 214 10.00 18.96 4.78
CA ARG B 214 10.05 18.91 4.76
C ARG B 214 9.99 20.39 5.28
C ARG B 214 9.99 20.36 5.23
N LEU B 215 11.17 20.99 5.40
CA LEU B 215 11.25 22.37 5.83
C LEU B 215 10.52 23.29 4.84
N SER B 216 10.64 23.03 3.55
CA SER B 216 9.96 23.87 2.56
C SER B 216 8.43 23.81 2.68
N THR B 217 7.89 22.63 2.93
CA THR B 217 6.45 22.48 3.11
C THR B 217 5.96 23.21 4.34
N ILE B 218 6.68 23.00 5.43
CA ILE B 218 6.31 23.55 6.73
C ILE B 218 6.43 25.08 6.76
N GLU B 219 7.52 25.60 6.24
CA GLU B 219 7.77 27.04 6.27
C GLU B 219 6.82 27.83 5.39
N ASN B 220 6.18 27.16 4.44
CA ASN B 220 5.23 27.79 3.52
C ASN B 220 3.76 27.51 3.80
N ALA B 221 3.48 26.68 4.81
CA ALA B 221 2.11 26.38 5.17
C ALA B 221 1.38 27.61 5.72
N ASP B 222 0.07 27.69 5.50
CA ASP B 222 -0.74 28.78 6.01
C ASP B 222 -0.87 28.67 7.53
N GLU B 223 -0.93 27.42 8.00
CA GLU B 223 -0.98 27.17 9.42
C GLU B 223 -0.26 25.87 9.74
N ILE B 224 0.40 25.88 10.87
CA ILE B 224 1.11 24.74 11.45
C ILE B 224 0.45 24.40 12.78
N LEU B 225 0.13 23.10 12.97
CA LEU B 225 -0.39 22.60 14.24
C LEU B 225 0.66 21.65 14.81
N VAL B 226 1.18 21.97 16.00
CA VAL B 226 2.18 21.09 16.67
C VAL B 226 1.38 20.13 17.52
N ILE B 227 1.44 18.85 17.18
CA ILE B 227 0.70 17.80 17.86
C ILE B 227 1.65 17.18 18.88
N ASP B 228 1.20 17.02 20.11
CA ASP B 228 2.04 16.50 21.19
C ASP B 228 1.14 15.62 22.09
N HIS B 229 1.45 14.33 22.15
CA HIS B 229 0.66 13.38 22.94
C HIS B 229 -0.86 13.54 22.75
N GLY B 230 -1.27 13.59 21.49
CA GLY B 230 -2.69 13.63 21.16
C GLY B 230 -3.42 14.93 21.31
N GLU B 231 -2.70 16.02 21.55
CA GLU B 231 -3.28 17.34 21.68
C GLU B 231 -2.54 18.34 20.82
N ILE B 232 -3.19 19.48 20.54
CA ILE B 232 -2.55 20.55 19.79
C ILE B 232 -1.86 21.46 20.79
N ARG B 233 -0.55 21.47 20.76
CA ARG B 233 0.27 22.23 21.71
C ARG B 233 0.52 23.67 21.30
N GLU B 234 0.74 23.89 20.01
CA GLU B 234 1.01 25.22 19.45
C GLU B 234 0.33 25.35 18.09
N ARG B 235 -0.03 26.58 17.74
CA ARG B 235 -0.69 26.87 16.47
C ARG B 235 -0.16 28.17 15.93
N GLY B 236 0.15 28.24 14.64
CA GLY B 236 0.61 29.52 14.02
C GLY B 236 1.18 29.24 12.67
N ASN B 237 2.11 30.08 12.23
CA ASN B 237 2.86 29.76 11.01
C ASN B 237 4.32 29.74 11.42
N HIS B 238 5.22 29.53 10.47
CA HIS B 238 6.63 29.45 10.78
C HIS B 238 7.14 30.67 11.55
N LYS B 239 6.79 31.85 11.07
CA LYS B 239 7.25 33.08 11.73
C LYS B 239 6.66 33.27 13.14
N THR B 240 5.34 33.08 13.30
CA THR B 240 4.73 33.31 14.64
C THR B 240 5.13 32.26 15.67
N LEU B 241 5.39 31.05 15.20
CA LEU B 241 5.83 30.00 16.10
C LEU B 241 7.29 30.14 16.50
N LEU B 242 8.14 30.59 15.58
CA LEU B 242 9.53 30.87 15.95
C LEU B 242 9.58 31.92 17.07
N GLU B 243 8.74 32.94 16.96
CA GLU B 243 8.67 34.03 17.97
C GLU B 243 8.35 33.53 19.37
N GLN B 244 7.60 32.43 19.45
CA GLN B 244 7.20 31.87 20.72
C GLN B 244 8.33 31.12 21.42
N ASN B 245 9.36 30.76 20.68
CA ASN B 245 10.50 30.05 21.27
C ASN B 245 10.05 28.82 22.08
N GLY B 246 9.19 28.01 21.49
CA GLY B 246 8.64 26.85 22.16
C GLY B 246 8.90 25.54 21.42
N ALA B 247 7.88 24.69 21.42
CA ALA B 247 8.01 23.35 20.81
C ALA B 247 8.27 23.36 19.32
N TYR B 248 7.58 24.19 18.55
CA TYR B 248 7.86 24.26 17.12
C TYR B 248 9.31 24.63 16.86
N LYS B 249 9.79 25.66 17.55
CA LYS B 249 11.14 26.15 17.31
C LYS B 249 12.17 25.05 17.58
N GLN B 250 11.95 24.28 18.64
CA GLN B 250 12.85 23.18 18.98
C GLN B 250 12.80 22.06 17.93
N LEU B 251 11.59 21.69 17.47
CA LEU B 251 11.45 20.64 16.46
C LEU B 251 12.10 21.08 15.16
N HIS B 252 11.93 22.35 14.83
CA HIS B 252 12.51 22.95 13.63
C HIS B 252 14.05 22.94 13.70
N SER B 253 14.61 23.23 14.87
N SER B 253 14.61 23.20 14.88
CA SER B 253 16.06 23.19 15.04
CA SER B 253 16.07 23.18 15.10
C SER B 253 16.60 21.79 14.69
C SER B 253 16.69 21.80 14.91
N MET B 254 15.88 20.77 15.12
CA MET B 254 16.27 19.38 14.84
C MET B 254 15.75 18.87 13.49
N GLN B 255 15.31 19.81 12.62
CA GLN B 255 14.90 19.49 11.24
C GLN B 255 13.75 18.48 11.10
N PHE B 256 12.82 18.52 12.05
CA PHE B 256 11.66 17.62 12.07
C PHE B 256 12.03 16.16 11.93
N THR B 257 13.14 15.78 12.59
CA THR B 257 13.61 14.41 12.59
C THR B 257 13.06 13.62 13.79
N GLY B 258 12.38 14.31 14.71
CA GLY B 258 11.77 13.67 15.87
C GLY B 258 10.54 12.86 15.49
#